data_5XWK
#
_entry.id   5XWK
#
_cell.length_a   86.990
_cell.length_b   86.990
_cell.length_c   165.484
_cell.angle_alpha   90.00
_cell.angle_beta   90.00
_cell.angle_gamma   90.00
#
_symmetry.space_group_name_H-M   'P 41 21 2'
#
loop_
_entity.id
_entity.type
_entity.pdbx_description
1 polymer 'Alkaline phosphatase PhoK'
2 non-polymer GLYCEROL
3 non-polymer 'ZINC ION'
4 non-polymer 'CALCIUM ION'
5 non-polymer 'PHOSPHATE ION'
6 water water
#
_entity_poly.entity_id   1
_entity_poly.type   'polypeptide(L)'
_entity_poly.pdbx_seq_one_letter_code
;MLKHVAAALLLATAMPVVAQSPAPAAAPAPAARSIAATPPKLIVAISVDQFSADLFSEYRQYYTGGLKRLTSEGAVFPRG
YQSHAATETCPGHSTILTGSRPSRTGIIANNWFDLDAKREDKNLYCAEDESQPGSSSDKYEASPLHLKVPTLGGRMKAAN
PATRVVSVAGKDRAAIMMGGATADQVWWLGGPQGYVSYKGVAPTPLVTQVNQAFAQRLAQPNPGFELPAQCVSKDFPVQA
GNRTVGTGRFARDAGDYKGFRISPEQDAMTLAFAAAAIENMQLGKQAQTDIISIGLSATDYVGHTFGTEGTESCIQVDRL
DTELGAFFDKLDKDGIDYVVVLTADHGGHDLPERHRMNAMPMEQRVDMALTPKALNATIAEKAGLPGKKVIWSDGPSGDI
YYDKGLTAAQRARVETEALKYLRAHPQVQTVFTKAEIAATPSPSGPPESWSLIQEARASFYPSRSGDLLLLLKPRVMSIP
EQAVMGSVATHGSPWDTDRRVPILFWRKGMQHFEQPLGVETVDILPSLAALIKLPVPKDQIDGRCLDLVAGKDDSCAGQL
EHHHHHH
;
_entity_poly.pdbx_strand_id   A
#
loop_
_chem_comp.id
_chem_comp.type
_chem_comp.name
_chem_comp.formula
CA non-polymer 'CALCIUM ION' 'Ca 2'
GOL non-polymer GLYCEROL 'C3 H8 O3'
PO4 non-polymer 'PHOSPHATE ION' 'O4 P -3'
ZN non-polymer 'ZINC ION' 'Zn 2'
#
# COMPACT_ATOMS: atom_id res chain seq x y z
N ALA A 31 -8.79 28.64 -16.67
CA ALA A 31 -7.63 29.48 -16.97
C ALA A 31 -6.30 28.77 -16.64
N ALA A 32 -5.30 28.99 -17.49
CA ALA A 32 -3.97 28.42 -17.27
C ALA A 32 -3.30 29.06 -16.06
N ARG A 33 -2.70 28.23 -15.20
CA ARG A 33 -2.13 28.72 -13.96
C ARG A 33 -1.06 27.74 -13.44
N SER A 34 0.15 28.21 -13.15
CA SER A 34 1.18 27.26 -12.71
C SER A 34 0.78 26.52 -11.43
N ILE A 35 1.04 25.21 -11.36
CA ILE A 35 0.81 24.46 -10.14
C ILE A 35 1.62 25.04 -8.95
N ALA A 36 2.65 25.83 -9.24
CA ALA A 36 3.44 26.46 -8.18
C ALA A 36 3.20 27.98 -8.03
N ALA A 37 2.17 28.50 -8.69
CA ALA A 37 1.95 29.94 -8.68
C ALA A 37 1.83 30.50 -7.24
N THR A 38 1.05 29.81 -6.41
CA THR A 38 0.78 30.18 -5.02
C THR A 38 0.67 28.90 -4.23
N PRO A 39 0.76 28.96 -2.90
CA PRO A 39 0.58 27.69 -2.19
C PRO A 39 -0.86 27.21 -2.27
N PRO A 40 -1.06 25.93 -2.58
CA PRO A 40 -2.44 25.42 -2.49
C PRO A 40 -3.00 25.48 -1.06
N LYS A 41 -4.33 25.58 -0.91
CA LYS A 41 -4.93 25.63 0.40
C LYS A 41 -5.26 24.24 0.97
N LEU A 42 -5.28 23.22 0.11
CA LEU A 42 -5.58 21.88 0.55
C LEU A 42 -4.74 20.87 -0.20
N ILE A 43 -4.10 19.98 0.53
CA ILE A 43 -3.43 18.86 -0.11
C ILE A 43 -4.32 17.64 0.05
N VAL A 44 -4.65 16.99 -1.07
CA VAL A 44 -5.43 15.76 -1.06
C VAL A 44 -4.53 14.63 -1.55
N ALA A 45 -4.23 13.68 -0.67
CA ALA A 45 -3.34 12.60 -1.03
C ALA A 45 -4.15 11.31 -1.07
N ILE A 46 -4.15 10.64 -2.23
CA ILE A 46 -4.98 9.46 -2.41
C ILE A 46 -4.10 8.28 -2.68
N SER A 47 -4.19 7.28 -1.80
CA SER A 47 -3.54 5.99 -2.06
C SER A 47 -4.56 4.96 -2.48
N VAL A 48 -4.41 4.43 -3.70
CA VAL A 48 -5.31 3.38 -4.16
C VAL A 48 -4.57 2.04 -3.98
N ASP A 49 -5.06 1.27 -3.00
CA ASP A 49 -4.38 0.06 -2.56
C ASP A 49 -4.27 -0.98 -3.68
N GLN A 50 -3.04 -1.43 -3.96
CA GLN A 50 -2.75 -2.35 -5.10
C GLN A 50 -3.11 -1.81 -6.50
N PHE A 51 -3.17 -0.48 -6.65
CA PHE A 51 -3.43 0.08 -7.98
C PHE A 51 -2.11 0.07 -8.77
N SER A 52 -1.69 -1.10 -9.29
CA SER A 52 -0.36 -1.25 -9.92
C SER A 52 -0.20 -0.38 -11.14
N ALA A 53 1.03 -0.05 -11.54
CA ALA A 53 1.18 0.65 -12.81
C ALA A 53 0.68 -0.23 -13.97
N ASP A 54 0.85 -1.55 -13.88
CA ASP A 54 0.29 -2.43 -14.91
C ASP A 54 -1.22 -2.25 -15.09
N LEU A 55 -1.93 -2.26 -13.98
CA LEU A 55 -3.39 -2.13 -13.99
C LEU A 55 -3.82 -0.73 -14.43
N PHE A 56 -3.24 0.29 -13.81
CA PHE A 56 -3.45 1.69 -14.18
C PHE A 56 -3.24 1.92 -15.69
N SER A 57 -2.14 1.39 -16.23
CA SER A 57 -1.84 1.58 -17.65
C SER A 57 -2.79 0.83 -18.59
N GLU A 58 -3.09 -0.43 -18.23
CA GLU A 58 -4.04 -1.21 -19.04
C GLU A 58 -5.33 -0.44 -19.33
N TYR A 59 -5.89 0.17 -18.29
CA TYR A 59 -7.23 0.75 -18.44
C TYR A 59 -7.19 2.25 -18.64
N ARG A 60 -5.99 2.80 -18.75
CA ARG A 60 -5.83 4.23 -18.96
C ARG A 60 -6.65 4.81 -20.11
N GLN A 61 -6.76 4.06 -21.19
CA GLN A 61 -7.46 4.60 -22.33
C GLN A 61 -8.99 4.67 -22.16
N TYR A 62 -9.55 4.12 -21.07
CA TYR A 62 -10.98 4.12 -20.90
C TYR A 62 -11.44 5.07 -19.80
N TYR A 63 -10.50 5.74 -19.12
CA TYR A 63 -10.91 6.69 -18.07
C TYR A 63 -11.64 7.85 -18.73
N THR A 64 -12.69 8.31 -18.07
CA THR A 64 -13.47 9.45 -18.51
C THR A 64 -13.75 10.40 -17.36
N GLY A 65 -13.48 9.96 -16.12
CA GLY A 65 -13.79 10.73 -14.90
C GLY A 65 -12.56 11.31 -14.19
N GLY A 66 -12.43 11.02 -12.90
CA GLY A 66 -11.34 11.52 -12.07
C GLY A 66 -9.98 11.09 -12.54
N LEU A 67 -9.84 9.86 -13.02
CA LEU A 67 -8.51 9.45 -13.45
C LEU A 67 -8.17 10.08 -14.81
N LYS A 68 -9.18 10.39 -15.63
CA LYS A 68 -8.91 11.10 -16.88
C LYS A 68 -8.40 12.51 -16.58
N ARG A 69 -9.00 13.13 -15.58
CA ARG A 69 -8.60 14.46 -15.18
C ARG A 69 -7.13 14.40 -14.81
N LEU A 70 -6.75 13.47 -13.94
CA LEU A 70 -5.34 13.43 -13.54
C LEU A 70 -4.36 13.06 -14.68
N THR A 71 -4.70 12.08 -15.52
CA THR A 71 -3.76 11.68 -16.57
C THR A 71 -3.72 12.69 -17.73
N SER A 72 -4.83 13.33 -18.06
CA SER A 72 -4.77 14.23 -19.21
C SER A 72 -4.27 15.63 -18.84
N GLU A 73 -4.46 16.05 -17.58
CA GLU A 73 -4.17 17.43 -17.15
C GLU A 73 -2.99 17.53 -16.18
N GLY A 74 -2.67 16.41 -15.54
CA GLY A 74 -1.69 16.40 -14.48
C GLY A 74 -0.24 16.18 -14.85
N ALA A 75 0.61 16.20 -13.83
CA ALA A 75 2.01 15.77 -13.95
C ALA A 75 1.97 14.27 -13.75
N VAL A 76 2.28 13.53 -14.82
CA VAL A 76 2.04 12.08 -14.83
C VAL A 76 3.39 11.31 -14.81
N PHE A 77 3.60 10.58 -13.73
CA PHE A 77 4.74 9.67 -13.59
C PHE A 77 4.22 8.25 -13.62
N PRO A 78 4.17 7.62 -14.82
CA PRO A 78 3.52 6.30 -14.93
C PRO A 78 4.44 5.22 -14.44
N ARG A 79 5.71 5.55 -14.18
CA ARG A 79 6.67 4.57 -13.72
CA ARG A 79 6.65 4.53 -13.69
C ARG A 79 7.23 4.97 -12.34
N GLY A 80 6.33 5.11 -11.38
CA GLY A 80 6.72 5.42 -10.01
C GLY A 80 7.10 4.10 -9.35
N TYR A 81 7.81 4.19 -8.23
CA TYR A 81 8.29 2.98 -7.56
C TYR A 81 8.07 3.07 -6.06
N GLN A 82 7.37 2.08 -5.50
CA GLN A 82 7.55 1.69 -4.10
C GLN A 82 8.82 0.86 -4.14
N SER A 83 9.96 1.49 -3.89
CA SER A 83 11.22 1.01 -4.45
C SER A 83 11.85 -0.17 -3.68
N HIS A 84 11.44 -0.35 -2.43
CA HIS A 84 11.89 -1.40 -1.53
C HIS A 84 11.39 -2.80 -1.94
N ALA A 85 11.95 -3.82 -1.31
CA ALA A 85 11.60 -5.20 -1.70
C ALA A 85 10.25 -5.63 -1.09
N ALA A 86 9.89 -5.03 0.05
CA ALA A 86 8.80 -5.50 0.88
C ALA A 86 7.52 -4.85 0.41
N THR A 87 7.01 -5.30 -0.73
CA THR A 87 5.96 -4.54 -1.44
C THR A 87 4.58 -4.87 -0.87
N GLU A 88 4.41 -4.59 0.42
CA GLU A 88 3.17 -4.80 1.15
C GLU A 88 2.56 -3.46 1.53
N THR A 89 1.33 -3.51 2.07
CA THR A 89 0.51 -2.32 2.31
C THR A 89 1.12 -1.38 3.35
N CYS A 90 1.64 -1.93 4.44
CA CYS A 90 2.12 -1.08 5.51
C CYS A 90 3.44 -0.38 5.13
N PRO A 91 4.44 -1.14 4.66
CA PRO A 91 5.64 -0.44 4.18
C PRO A 91 5.29 0.59 3.10
N GLY A 92 4.38 0.26 2.20
CA GLY A 92 4.06 1.19 1.11
C GLY A 92 3.38 2.47 1.60
N HIS A 93 2.40 2.33 2.48
CA HIS A 93 1.74 3.49 3.01
C HIS A 93 2.69 4.33 3.84
N SER A 94 3.65 3.71 4.52
CA SER A 94 4.61 4.47 5.33
C SER A 94 5.53 5.35 4.49
N THR A 95 5.63 5.10 3.18
CA THR A 95 6.48 5.95 2.33
C THR A 95 5.76 7.16 1.76
N ILE A 96 4.45 7.06 1.56
CA ILE A 96 3.75 8.01 0.68
C ILE A 96 3.82 9.45 1.19
N LEU A 97 3.62 9.63 2.49
CA LEU A 97 3.64 10.99 3.06
C LEU A 97 4.73 11.18 4.11
N THR A 98 5.82 10.44 4.00
CA THR A 98 6.96 10.62 4.90
C THR A 98 8.24 10.99 4.18
N GLY A 99 8.25 10.83 2.86
CA GLY A 99 9.49 11.02 2.13
C GLY A 99 10.57 10.00 2.52
N SER A 100 10.14 8.93 3.17
CA SER A 100 11.09 8.02 3.84
C SER A 100 10.88 6.57 3.40
N ARG A 101 11.96 5.86 3.07
CA ARG A 101 11.82 4.44 2.73
C ARG A 101 11.57 3.62 3.99
N PRO A 102 11.11 2.38 3.85
CA PRO A 102 10.85 1.57 5.05
C PRO A 102 12.08 1.37 5.92
N SER A 103 13.27 1.42 5.33
CA SER A 103 14.51 1.35 6.11
C SER A 103 14.60 2.51 7.11
N ARG A 104 13.90 3.61 6.82
CA ARG A 104 13.84 4.77 7.70
C ARG A 104 12.53 4.84 8.50
N THR A 105 11.38 4.52 7.90
CA THR A 105 10.12 4.52 8.69
C THR A 105 10.05 3.40 9.75
N GLY A 106 10.87 2.37 9.57
CA GLY A 106 10.84 1.19 10.42
C GLY A 106 9.70 0.23 10.07
N ILE A 107 8.89 0.57 9.07
CA ILE A 107 7.71 -0.26 8.80
C ILE A 107 8.08 -1.26 7.70
N ILE A 108 8.75 -2.35 8.07
CA ILE A 108 9.40 -3.15 7.03
C ILE A 108 8.54 -4.30 6.50
N ALA A 109 7.34 -4.46 7.06
CA ALA A 109 6.38 -5.50 6.64
C ALA A 109 5.05 -5.20 7.30
N ASN A 110 3.98 -5.86 6.87
CA ASN A 110 2.70 -5.80 7.59
C ASN A 110 2.80 -6.39 8.98
N ASN A 111 3.66 -7.41 9.13
CA ASN A 111 3.91 -8.09 10.40
C ASN A 111 5.39 -8.42 10.51
N TRP A 112 6.01 -8.15 11.67
CA TRP A 112 7.38 -8.66 11.87
C TRP A 112 7.44 -9.33 13.22
N PHE A 113 8.34 -10.28 13.37
CA PHE A 113 8.55 -10.88 14.71
C PHE A 113 9.46 -10.05 15.59
N ASP A 114 9.07 -9.92 16.86
CA ASP A 114 9.96 -9.50 17.92
C ASP A 114 10.08 -10.66 18.89
N LEU A 115 11.09 -11.51 18.69
CA LEU A 115 11.19 -12.72 19.47
C LEU A 115 11.49 -12.41 20.95
N ASP A 116 11.87 -11.17 21.24
CA ASP A 116 12.12 -10.77 22.62
C ASP A 116 10.89 -10.11 23.25
N ALA A 117 9.77 -10.06 22.54
CA ALA A 117 8.58 -9.42 23.08
C ALA A 117 8.15 -10.03 24.42
N LYS A 118 7.62 -9.20 25.30
CA LYS A 118 7.19 -9.70 26.61
C LYS A 118 5.99 -10.66 26.47
N ARG A 119 5.02 -10.29 25.64
CA ARG A 119 3.77 -11.03 25.50
C ARG A 119 3.98 -12.35 24.71
N GLU A 120 3.00 -13.26 24.79
CA GLU A 120 3.17 -14.61 24.24
C GLU A 120 3.23 -14.57 22.71
N ASP A 121 2.54 -13.62 22.08
CA ASP A 121 2.52 -13.55 20.62
C ASP A 121 3.66 -12.67 20.08
N LYS A 122 4.71 -13.31 19.57
CA LYS A 122 5.90 -12.61 19.11
C LYS A 122 5.71 -11.96 17.75
N ASN A 123 4.63 -12.31 17.08
CA ASN A 123 4.32 -11.63 15.85
C ASN A 123 3.71 -10.26 16.16
N LEU A 124 4.31 -9.20 15.61
CA LEU A 124 3.79 -7.86 15.80
C LEU A 124 3.12 -7.34 14.52
N TYR A 125 1.95 -6.74 14.67
CA TYR A 125 1.25 -6.07 13.57
C TYR A 125 1.91 -4.71 13.35
N CYS A 126 2.00 -4.25 12.11
CA CYS A 126 2.74 -3.04 11.79
C CYS A 126 2.12 -1.83 12.50
N ALA A 127 0.80 -1.83 12.64
CA ALA A 127 0.08 -0.68 13.20
C ALA A 127 -0.59 -0.93 14.55
N GLU A 128 0.06 -1.71 15.42
CA GLU A 128 -0.41 -1.88 16.79
C GLU A 128 0.62 -1.37 17.81
N ASP A 129 0.15 -1.24 19.05
CA ASP A 129 1.01 -0.99 20.20
C ASP A 129 1.05 -2.26 21.05
N GLU A 130 2.08 -3.08 20.85
CA GLU A 130 2.13 -4.40 21.49
C GLU A 130 2.38 -4.32 22.99
N SER A 131 2.67 -3.13 23.51
CA SER A 131 2.90 -3.00 24.93
C SER A 131 1.59 -3.11 25.72
N GLN A 132 0.47 -3.01 25.02
CA GLN A 132 -0.82 -3.05 25.72
C GLN A 132 -1.14 -4.45 26.25
N PRO A 133 -1.59 -4.50 27.51
CA PRO A 133 -1.80 -5.77 28.20
C PRO A 133 -2.86 -6.61 27.52
N GLY A 134 -2.63 -7.91 27.44
CA GLY A 134 -3.63 -8.76 26.85
C GLY A 134 -3.72 -8.63 25.34
N SER A 135 -2.75 -7.97 24.70
CA SER A 135 -2.85 -7.83 23.25
C SER A 135 -2.21 -9.04 22.52
N SER A 136 -2.58 -9.19 21.26
CA SER A 136 -1.91 -10.13 20.37
C SER A 136 -2.04 -9.55 18.97
N SER A 137 -1.39 -10.16 17.99
CA SER A 137 -1.45 -9.63 16.62
C SER A 137 -2.83 -9.84 16.01
N ASP A 138 -3.63 -10.68 16.66
CA ASP A 138 -5.00 -10.95 16.23
C ASP A 138 -6.01 -10.04 16.94
N LYS A 139 -5.65 -9.57 18.13
CA LYS A 139 -6.52 -8.68 18.89
C LYS A 139 -5.66 -7.54 19.44
N TYR A 140 -5.49 -6.51 18.62
CA TYR A 140 -4.50 -5.49 18.91
C TYR A 140 -5.11 -4.14 19.14
N GLU A 141 -4.31 -3.19 19.65
CA GLU A 141 -4.72 -1.80 19.77
C GLU A 141 -4.06 -0.99 18.68
N ALA A 142 -4.86 -0.40 17.81
CA ALA A 142 -4.33 0.36 16.68
C ALA A 142 -3.53 1.54 17.19
N SER A 143 -2.44 1.86 16.49
CA SER A 143 -1.44 2.83 16.98
C SER A 143 -0.42 3.12 15.87
N PRO A 144 0.00 4.40 15.72
CA PRO A 144 1.13 4.79 14.86
C PRO A 144 2.51 4.66 15.55
N LEU A 145 2.54 4.08 16.75
CA LEU A 145 3.76 4.04 17.56
C LEU A 145 4.97 3.48 16.79
N HIS A 146 4.73 2.50 15.92
CA HIS A 146 5.86 1.84 15.23
C HIS A 146 6.51 2.75 14.19
N LEU A 147 5.79 3.81 13.78
CA LEU A 147 6.29 4.69 12.70
C LEU A 147 7.35 5.67 13.21
N LYS A 148 8.55 5.60 12.63
CA LYS A 148 9.70 6.28 13.25
C LYS A 148 9.83 7.74 12.85
N VAL A 149 9.15 8.15 11.79
CA VAL A 149 9.31 9.48 11.24
C VAL A 149 7.97 10.23 11.21
N PRO A 150 8.03 11.56 11.08
CA PRO A 150 6.80 12.34 10.90
C PRO A 150 6.26 12.21 9.51
N THR A 151 4.98 12.46 9.38
CA THR A 151 4.37 12.56 8.07
C THR A 151 4.34 14.00 7.61
N LEU A 152 3.95 14.22 6.37
CA LEU A 152 3.87 15.58 5.85
C LEU A 152 2.92 16.42 6.71
N GLY A 153 1.81 15.84 7.13
CA GLY A 153 0.86 16.54 7.99
C GLY A 153 1.52 16.85 9.32
N GLY A 154 2.29 15.93 9.88
CA GLY A 154 3.02 16.26 11.10
C GLY A 154 4.00 17.43 10.91
N ARG A 155 4.67 17.47 9.77
CA ARG A 155 5.65 18.54 9.54
C ARG A 155 4.94 19.88 9.30
N MET A 156 3.77 19.83 8.66
CA MET A 156 3.00 21.04 8.41
C MET A 156 2.52 21.57 9.76
N LYS A 157 2.05 20.66 10.60
CA LYS A 157 1.57 21.02 11.93
C LYS A 157 2.70 21.57 12.82
N ALA A 158 3.91 21.04 12.69
CA ALA A 158 5.03 21.60 13.46
C ALA A 158 5.35 23.01 13.00
N ALA A 159 5.20 23.29 11.69
CA ALA A 159 5.43 24.65 11.16
C ALA A 159 4.26 25.61 11.42
N ASN A 160 3.04 25.07 11.53
CA ASN A 160 1.87 25.88 11.74
C ASN A 160 0.81 25.03 12.44
N PRO A 161 0.62 25.29 13.75
CA PRO A 161 -0.31 24.54 14.60
C PRO A 161 -1.76 24.63 14.11
N ALA A 162 -2.08 25.59 13.25
CA ALA A 162 -3.47 25.74 12.80
C ALA A 162 -3.80 24.69 11.74
N THR A 163 -2.79 24.06 11.18
CA THR A 163 -3.01 23.02 10.17
C THR A 163 -3.95 21.90 10.65
N ARG A 164 -4.98 21.55 9.87
CA ARG A 164 -5.70 20.31 10.17
C ARG A 164 -5.13 19.12 9.38
N VAL A 165 -5.00 17.97 10.04
CA VAL A 165 -4.45 16.77 9.37
C VAL A 165 -5.43 15.63 9.51
N VAL A 166 -5.95 15.14 8.39
CA VAL A 166 -7.06 14.21 8.41
C VAL A 166 -6.67 13.03 7.56
N SER A 167 -7.05 11.83 8.00
CA SER A 167 -6.71 10.64 7.26
C SER A 167 -7.85 9.65 7.38
N VAL A 168 -8.37 9.19 6.24
CA VAL A 168 -9.47 8.22 6.26
C VAL A 168 -9.16 7.08 5.24
N ALA A 169 -9.51 5.85 5.58
CA ALA A 169 -9.19 4.73 4.70
C ALA A 169 -10.10 3.55 4.97
N GLY A 170 -10.07 2.57 4.06
CA GLY A 170 -10.70 1.30 4.32
C GLY A 170 -9.89 0.36 5.20
N LYS A 171 -8.63 0.69 5.46
CA LYS A 171 -7.79 -0.14 6.33
C LYS A 171 -7.14 0.71 7.40
N ASP A 172 -7.07 0.22 8.64
CA ASP A 172 -6.48 1.07 9.68
C ASP A 172 -5.03 1.42 9.34
N ARG A 173 -4.26 0.45 8.87
CA ARG A 173 -2.84 0.72 8.64
C ARG A 173 -2.63 1.78 7.57
N ALA A 174 -3.47 1.78 6.53
CA ALA A 174 -3.38 2.83 5.53
C ALA A 174 -3.64 4.22 6.16
N ALA A 175 -4.75 4.33 6.89
CA ALA A 175 -5.09 5.64 7.48
C ALA A 175 -4.01 6.09 8.43
N ILE A 176 -3.53 5.15 9.25
CA ILE A 176 -2.61 5.47 10.34
C ILE A 176 -1.24 5.91 9.83
N MET A 177 -0.71 5.18 8.84
CA MET A 177 0.64 5.45 8.36
C MET A 177 0.69 6.69 7.47
N MET A 178 -0.45 7.06 6.87
CA MET A 178 -0.49 8.30 6.09
C MET A 178 -0.71 9.54 6.98
N GLY A 179 -1.40 9.35 8.10
CA GLY A 179 -1.73 10.46 8.98
C GLY A 179 -0.63 10.79 9.98
N GLY A 180 -0.03 9.77 10.59
CA GLY A 180 1.05 10.01 11.55
C GLY A 180 0.54 10.36 12.93
N ALA A 181 1.45 10.37 13.91
CA ALA A 181 1.09 10.48 15.32
C ALA A 181 0.35 11.78 15.73
N THR A 182 0.46 12.85 14.95
CA THR A 182 -0.15 14.12 15.37
C THR A 182 -1.38 14.51 14.52
N ALA A 183 -1.85 13.58 13.70
CA ALA A 183 -3.09 13.77 12.95
C ALA A 183 -4.25 14.15 13.86
N ASP A 184 -5.08 15.08 13.39
CA ASP A 184 -6.32 15.48 14.08
C ASP A 184 -7.40 14.40 14.06
N GLN A 185 -7.53 13.73 12.93
CA GLN A 185 -8.65 12.82 12.71
C GLN A 185 -8.14 11.64 11.90
N VAL A 186 -8.28 10.45 12.44
CA VAL A 186 -7.83 9.25 11.71
C VAL A 186 -8.94 8.22 11.78
N TRP A 187 -9.53 7.87 10.63
CA TRP A 187 -10.69 6.97 10.65
C TRP A 187 -10.53 5.86 9.63
N TRP A 188 -11.01 4.67 9.94
CA TRP A 188 -10.93 3.56 9.01
C TRP A 188 -12.14 2.65 9.16
N LEU A 189 -12.39 1.89 8.12
CA LEU A 189 -13.52 0.99 8.14
C LEU A 189 -13.20 -0.12 9.12
N GLY A 190 -14.05 -0.34 10.12
CA GLY A 190 -13.71 -1.26 11.17
C GLY A 190 -14.57 -2.51 11.13
N GLY A 191 -15.54 -2.55 10.22
CA GLY A 191 -16.50 -3.64 10.18
C GLY A 191 -17.89 -3.17 9.86
N PRO A 192 -18.89 -4.07 10.04
CA PRO A 192 -20.26 -3.66 9.72
C PRO A 192 -20.73 -2.49 10.59
N GLN A 193 -20.00 -2.15 11.66
CA GLN A 193 -20.35 -0.96 12.43
C GLN A 193 -19.93 0.32 11.70
N GLY A 194 -19.08 0.19 10.69
CA GLY A 194 -18.67 1.36 9.95
C GLY A 194 -17.30 1.90 10.33
N TYR A 195 -17.11 3.21 10.20
CA TYR A 195 -15.80 3.85 10.43
C TYR A 195 -15.59 4.07 11.93
N VAL A 196 -14.35 3.80 12.37
CA VAL A 196 -13.94 3.90 13.76
C VAL A 196 -12.55 4.51 13.82
N SER A 197 -12.09 4.79 15.04
CA SER A 197 -10.79 5.44 15.18
C SER A 197 -10.09 4.74 16.32
N TYR A 198 -9.06 5.36 16.84
CA TYR A 198 -8.36 4.85 18.01
C TYR A 198 -9.26 4.68 19.22
N LYS A 199 -8.86 3.78 20.12
CA LYS A 199 -9.51 3.65 21.42
C LYS A 199 -9.71 5.03 22.09
N GLY A 200 -10.92 5.28 22.57
CA GLY A 200 -11.19 6.51 23.30
C GLY A 200 -11.80 7.60 22.44
N VAL A 201 -11.76 7.43 21.13
CA VAL A 201 -12.24 8.46 20.20
C VAL A 201 -13.69 8.18 19.82
N ALA A 202 -14.58 9.03 20.30
CA ALA A 202 -16.00 8.84 20.03
C ALA A 202 -16.33 9.38 18.65
N PRO A 203 -17.29 8.78 17.97
CA PRO A 203 -17.73 9.32 16.68
C PRO A 203 -18.27 10.74 16.81
N THR A 204 -17.91 11.59 15.87
CA THR A 204 -18.48 12.93 15.80
C THR A 204 -19.85 12.80 15.17
N PRO A 205 -20.65 13.88 15.25
CA PRO A 205 -21.90 13.88 14.49
C PRO A 205 -21.68 13.46 13.04
N LEU A 206 -20.60 13.90 12.40
CA LEU A 206 -20.37 13.54 10.99
C LEU A 206 -20.21 12.05 10.81
N VAL A 207 -19.34 11.47 11.63
CA VAL A 207 -19.10 10.04 11.57
C VAL A 207 -20.37 9.24 11.83
N THR A 208 -21.21 9.65 12.78
CA THR A 208 -22.40 8.84 12.98
C THR A 208 -23.29 8.93 11.74
N GLN A 209 -23.38 10.13 11.15
CA GLN A 209 -24.17 10.26 9.92
C GLN A 209 -23.62 9.37 8.80
N VAL A 210 -22.30 9.40 8.65
CA VAL A 210 -21.64 8.53 7.65
C VAL A 210 -21.95 7.08 7.96
N ASN A 211 -21.82 6.67 9.23
CA ASN A 211 -22.05 5.27 9.54
C ASN A 211 -23.54 4.88 9.41
N GLN A 212 -24.46 5.83 9.66
CA GLN A 212 -25.87 5.55 9.41
C GLN A 212 -26.10 5.29 7.94
N ALA A 213 -25.44 6.08 7.09
CA ALA A 213 -25.60 5.94 5.64
C ALA A 213 -25.02 4.60 5.19
N PHE A 214 -23.85 4.30 5.73
CA PHE A 214 -23.21 3.00 5.53
C PHE A 214 -24.14 1.86 5.91
N ALA A 215 -24.73 1.93 7.11
CA ALA A 215 -25.56 0.84 7.58
C ALA A 215 -26.75 0.59 6.65
N GLN A 216 -27.33 1.69 6.17
CA GLN A 216 -28.45 1.61 5.23
C GLN A 216 -28.03 1.01 3.89
N ARG A 217 -26.83 1.31 3.43
CA ARG A 217 -26.39 0.74 2.15
C ARG A 217 -26.16 -0.77 2.33
N LEU A 218 -25.59 -1.13 3.47
CA LEU A 218 -25.26 -2.53 3.74
C LEU A 218 -26.52 -3.39 3.85
N ALA A 219 -27.55 -2.79 4.41
CA ALA A 219 -28.81 -3.50 4.62
C ALA A 219 -29.62 -3.68 3.32
N GLN A 220 -29.14 -3.11 2.22
CA GLN A 220 -29.81 -3.30 0.93
C GLN A 220 -29.00 -4.25 0.06
N PRO A 221 -29.67 -5.19 -0.63
CA PRO A 221 -28.96 -6.02 -1.62
C PRO A 221 -28.41 -5.15 -2.72
N ASN A 222 -27.25 -5.51 -3.26
CA ASN A 222 -26.67 -4.86 -4.42
C ASN A 222 -26.80 -5.78 -5.63
N PRO A 223 -27.50 -5.36 -6.69
CA PRO A 223 -27.73 -6.23 -7.86
C PRO A 223 -26.46 -6.47 -8.66
N GLY A 224 -25.41 -5.71 -8.37
CA GLY A 224 -24.15 -5.87 -9.08
C GLY A 224 -24.05 -4.85 -10.21
N PHE A 225 -23.05 -5.02 -11.06
CA PHE A 225 -22.74 -4.07 -12.13
C PHE A 225 -22.73 -4.76 -13.47
N GLU A 226 -23.48 -4.26 -14.45
CA GLU A 226 -23.26 -4.68 -15.84
C GLU A 226 -21.85 -4.27 -16.26
N LEU A 227 -21.28 -4.93 -17.26
CA LEU A 227 -19.91 -4.66 -17.66
C LEU A 227 -19.73 -3.36 -18.45
N PRO A 228 -18.77 -2.52 -18.03
CA PRO A 228 -18.27 -1.50 -18.98
C PRO A 228 -17.73 -2.18 -20.23
N ALA A 229 -17.68 -1.44 -21.35
CA ALA A 229 -17.29 -2.03 -22.63
C ALA A 229 -15.94 -2.76 -22.54
N GLN A 230 -15.01 -2.12 -21.85
CA GLN A 230 -13.64 -2.64 -21.75
C GLN A 230 -13.59 -3.91 -20.90
N CYS A 231 -14.65 -4.18 -20.14
CA CYS A 231 -14.63 -5.36 -19.27
C CYS A 231 -15.23 -6.57 -19.93
N VAL A 232 -15.90 -6.36 -21.07
CA VAL A 232 -16.61 -7.47 -21.73
C VAL A 232 -15.62 -8.57 -22.11
N SER A 233 -14.44 -8.17 -22.65
CA SER A 233 -13.43 -9.16 -23.05
C SER A 233 -12.85 -9.98 -21.88
N LYS A 234 -13.04 -9.54 -20.64
CA LYS A 234 -12.45 -10.20 -19.46
C LYS A 234 -13.40 -11.22 -18.86
N ASP A 235 -14.58 -11.36 -19.46
CA ASP A 235 -15.66 -12.11 -18.84
C ASP A 235 -15.53 -13.59 -19.18
N PHE A 236 -14.62 -14.28 -18.51
CA PHE A 236 -14.55 -15.74 -18.58
C PHE A 236 -14.02 -16.29 -17.28
N PRO A 237 -14.49 -17.49 -16.91
CA PRO A 237 -14.13 -18.10 -15.64
C PRO A 237 -12.76 -18.78 -15.64
N VAL A 238 -12.09 -18.69 -14.49
CA VAL A 238 -10.83 -19.34 -14.28
C VAL A 238 -10.90 -20.08 -12.96
N GLN A 239 -10.55 -21.36 -12.97
CA GLN A 239 -10.57 -22.15 -11.75
C GLN A 239 -9.24 -22.09 -11.00
N ALA A 240 -9.30 -21.89 -9.69
CA ALA A 240 -8.12 -22.00 -8.85
C ALA A 240 -8.47 -22.78 -7.60
N GLY A 241 -7.92 -24.00 -7.46
CA GLY A 241 -8.38 -24.90 -6.41
C GLY A 241 -9.88 -25.05 -6.51
N ASN A 242 -10.58 -24.76 -5.42
CA ASN A 242 -12.03 -24.94 -5.35
C ASN A 242 -12.77 -23.68 -5.77
N ARG A 243 -12.03 -22.66 -6.14
CA ARG A 243 -12.67 -21.40 -6.49
C ARG A 243 -12.74 -21.12 -7.98
N THR A 244 -13.67 -20.28 -8.36
CA THR A 244 -13.79 -19.88 -9.75
C THR A 244 -13.84 -18.36 -9.76
N VAL A 245 -12.98 -17.73 -10.56
CA VAL A 245 -12.95 -16.29 -10.62
C VAL A 245 -12.99 -15.84 -12.09
N GLY A 246 -13.20 -14.54 -12.31
CA GLY A 246 -13.10 -13.98 -13.66
C GLY A 246 -14.35 -13.26 -14.14
N THR A 247 -15.50 -13.58 -13.54
CA THR A 247 -16.81 -13.17 -14.05
C THR A 247 -17.66 -12.45 -13.01
N GLY A 248 -17.11 -12.17 -11.83
CA GLY A 248 -17.89 -11.55 -10.77
C GLY A 248 -18.33 -10.13 -11.11
N ARG A 249 -19.49 -9.74 -10.61
CA ARG A 249 -20.00 -8.41 -10.90
C ARG A 249 -20.41 -7.68 -9.61
N PHE A 250 -19.92 -8.16 -8.47
CA PHE A 250 -20.23 -7.56 -7.16
C PHE A 250 -21.72 -7.56 -6.78
N ALA A 251 -22.48 -8.52 -7.28
CA ALA A 251 -23.81 -8.75 -6.75
C ALA A 251 -23.62 -9.16 -5.29
N ARG A 252 -24.49 -8.73 -4.40
CA ARG A 252 -24.35 -9.22 -3.02
C ARG A 252 -25.62 -9.08 -2.23
N ASP A 253 -25.81 -10.04 -1.34
CA ASP A 253 -26.91 -10.08 -0.42
C ASP A 253 -26.90 -8.91 0.55
N ALA A 254 -28.09 -8.55 1.01
CA ALA A 254 -28.22 -7.60 2.11
C ALA A 254 -27.46 -8.14 3.31
N GLY A 255 -26.78 -7.24 4.02
CA GLY A 255 -26.02 -7.58 5.22
C GLY A 255 -24.69 -8.29 4.99
N ASP A 256 -24.32 -8.57 3.73
CA ASP A 256 -23.09 -9.29 3.45
C ASP A 256 -21.89 -8.32 3.51
N TYR A 257 -21.34 -8.17 4.71
CA TYR A 257 -20.24 -7.23 4.92
C TYR A 257 -18.97 -7.62 4.16
N LYS A 258 -18.66 -8.92 4.11
CA LYS A 258 -17.51 -9.40 3.34
C LYS A 258 -17.62 -8.94 1.89
N GLY A 259 -18.77 -9.22 1.30
CA GLY A 259 -19.07 -8.76 -0.04
C GLY A 259 -18.97 -7.25 -0.20
N PHE A 260 -19.48 -6.50 0.78
CA PHE A 260 -19.35 -5.04 0.73
C PHE A 260 -17.88 -4.60 0.75
N ARG A 261 -17.09 -5.24 1.62
CA ARG A 261 -15.67 -4.90 1.76
C ARG A 261 -14.90 -5.19 0.46
N ILE A 262 -15.25 -6.29 -0.22
CA ILE A 262 -14.52 -6.71 -1.40
C ILE A 262 -15.32 -6.23 -2.60
N SER A 263 -15.43 -4.92 -2.74
CA SER A 263 -16.25 -4.36 -3.80
C SER A 263 -15.98 -2.86 -3.91
N PRO A 264 -16.39 -2.23 -5.02
CA PRO A 264 -16.29 -0.77 -5.17
C PRO A 264 -17.10 0.01 -4.12
N GLU A 265 -18.06 -0.65 -3.51
CA GLU A 265 -18.93 0.00 -2.53
C GLU A 265 -18.14 0.67 -1.39
N GLN A 266 -17.11 0.03 -0.87
CA GLN A 266 -16.36 0.68 0.21
C GLN A 266 -15.55 1.90 -0.25
N ASP A 267 -15.06 1.92 -1.50
CA ASP A 267 -14.35 3.10 -2.01
C ASP A 267 -15.31 4.30 -2.14
N ALA A 268 -16.53 4.03 -2.59
CA ALA A 268 -17.55 5.06 -2.74
C ALA A 268 -17.83 5.68 -1.37
N MET A 269 -17.99 4.81 -0.36
CA MET A 269 -18.22 5.25 1.02
C MET A 269 -17.05 6.09 1.52
N THR A 270 -15.83 5.63 1.28
CA THR A 270 -14.65 6.31 1.84
C THR A 270 -14.52 7.70 1.21
N LEU A 271 -14.80 7.81 -0.09
CA LEU A 271 -14.72 9.09 -0.80
C LEU A 271 -15.84 10.00 -0.31
N ALA A 272 -17.01 9.43 -0.07
CA ALA A 272 -18.10 10.25 0.46
C ALA A 272 -17.76 10.79 1.85
N PHE A 273 -17.19 9.91 2.68
CA PHE A 273 -16.74 10.28 4.00
C PHE A 273 -15.71 11.42 3.89
N ALA A 274 -14.72 11.24 3.03
CA ALA A 274 -13.73 12.32 2.82
C ALA A 274 -14.34 13.66 2.35
N ALA A 275 -15.21 13.63 1.35
CA ALA A 275 -15.81 14.89 0.89
C ALA A 275 -16.57 15.56 2.05
N ALA A 276 -17.28 14.78 2.86
CA ALA A 276 -18.09 15.37 3.93
C ALA A 276 -17.20 15.96 5.02
N ALA A 277 -16.07 15.32 5.27
CA ALA A 277 -15.13 15.77 6.28
C ALA A 277 -14.50 17.10 5.85
N ILE A 278 -14.07 17.14 4.59
CA ILE A 278 -13.52 18.33 3.98
C ILE A 278 -14.47 19.50 4.13
N GLU A 279 -15.75 19.29 3.79
CA GLU A 279 -16.72 20.38 3.92
C GLU A 279 -17.01 20.76 5.39
N ASN A 280 -17.20 19.76 6.23
CA ASN A 280 -17.61 19.97 7.61
C ASN A 280 -16.50 20.68 8.40
N MET A 281 -15.26 20.31 8.14
CA MET A 281 -14.11 20.94 8.82
C MET A 281 -13.60 22.18 8.06
N GLN A 282 -14.24 22.49 6.94
CA GLN A 282 -13.79 23.60 6.10
C GLN A 282 -12.30 23.47 5.75
N LEU A 283 -11.88 22.27 5.38
CA LEU A 283 -10.50 22.07 4.94
C LEU A 283 -10.28 22.82 3.61
N GLY A 284 -9.15 23.52 3.51
CA GLY A 284 -8.84 24.33 2.35
C GLY A 284 -9.48 25.72 2.35
N LYS A 285 -10.24 26.03 3.39
CA LYS A 285 -10.99 27.29 3.43
C LYS A 285 -10.53 28.22 4.55
N GLN A 286 -9.37 27.94 5.12
CA GLN A 286 -8.80 28.80 6.14
C GLN A 286 -7.50 29.40 5.61
N ALA A 287 -6.77 30.08 6.48
CA ALA A 287 -5.61 30.83 6.04
C ALA A 287 -4.48 29.86 5.68
N GLN A 288 -4.33 28.82 6.50
CA GLN A 288 -3.22 27.89 6.33
C GLN A 288 -3.61 26.76 5.39
N THR A 289 -2.61 26.00 4.93
CA THR A 289 -2.88 24.83 4.11
C THR A 289 -3.23 23.64 5.00
N ASP A 290 -4.30 22.92 4.65
CA ASP A 290 -4.68 21.70 5.35
C ASP A 290 -4.33 20.50 4.51
N ILE A 291 -4.37 19.32 5.12
CA ILE A 291 -4.12 18.10 4.33
C ILE A 291 -5.06 16.98 4.73
N ILE A 292 -5.52 16.22 3.73
CA ILE A 292 -6.29 15.03 3.99
C ILE A 292 -5.72 13.89 3.15
N SER A 293 -5.51 12.74 3.79
CA SER A 293 -5.07 11.54 3.09
C SER A 293 -6.23 10.59 3.05
N ILE A 294 -6.37 9.89 1.91
CA ILE A 294 -7.49 8.99 1.65
C ILE A 294 -6.98 7.64 1.13
N GLY A 295 -7.31 6.55 1.82
CA GLY A 295 -6.78 5.24 1.44
C GLY A 295 -7.94 4.44 0.89
N LEU A 296 -7.96 4.24 -0.42
CA LEU A 296 -9.06 3.54 -1.07
C LEU A 296 -8.67 2.06 -1.20
N SER A 297 -9.26 1.22 -0.35
CA SER A 297 -8.76 -0.14 -0.19
C SER A 297 -9.34 -1.17 -1.18
N ALA A 298 -10.47 -0.86 -1.82
CA ALA A 298 -11.16 -1.93 -2.57
C ALA A 298 -10.31 -2.64 -3.63
N THR A 299 -9.49 -1.89 -4.34
CA THR A 299 -8.73 -2.47 -5.46
C THR A 299 -7.85 -3.68 -4.97
N ASP A 300 -7.35 -3.57 -3.74
CA ASP A 300 -6.50 -4.61 -3.15
C ASP A 300 -7.29 -5.88 -2.76
N TYR A 301 -8.41 -5.70 -2.05
CA TYR A 301 -9.27 -6.84 -1.71
C TYR A 301 -9.73 -7.54 -2.99
N VAL A 302 -10.13 -6.73 -3.97
CA VAL A 302 -10.57 -7.30 -5.23
C VAL A 302 -9.45 -8.09 -5.91
N GLY A 303 -8.25 -7.50 -5.99
CA GLY A 303 -7.13 -8.17 -6.63
C GLY A 303 -6.70 -9.45 -5.91
N HIS A 304 -6.73 -9.44 -4.59
CA HIS A 304 -6.40 -10.63 -3.82
C HIS A 304 -7.45 -11.71 -4.08
N THR A 305 -8.71 -11.32 -4.05
CA THR A 305 -9.76 -12.36 -4.07
C THR A 305 -9.99 -12.94 -5.46
N PHE A 306 -9.70 -12.13 -6.48
CA PHE A 306 -10.05 -12.52 -7.84
C PHE A 306 -8.92 -12.48 -8.85
N GLY A 307 -7.74 -12.00 -8.44
CA GLY A 307 -6.73 -11.68 -9.43
C GLY A 307 -7.10 -10.34 -10.10
N THR A 308 -6.33 -9.91 -11.08
CA THR A 308 -6.32 -8.50 -11.48
C THR A 308 -6.81 -8.24 -12.91
N GLU A 309 -7.03 -9.29 -13.71
CA GLU A 309 -7.39 -9.13 -15.12
C GLU A 309 -8.81 -9.55 -15.47
N GLY A 310 -9.62 -9.92 -14.48
CA GLY A 310 -10.98 -10.36 -14.76
C GLY A 310 -11.98 -9.21 -14.72
N THR A 311 -13.26 -9.56 -14.76
CA THR A 311 -14.29 -8.51 -14.71
C THR A 311 -14.27 -7.75 -13.36
N GLU A 312 -13.86 -8.40 -12.28
CA GLU A 312 -13.97 -7.75 -10.97
C GLU A 312 -13.04 -6.54 -10.85
N SER A 313 -11.76 -6.70 -11.15
CA SER A 313 -10.87 -5.53 -11.11
C SER A 313 -11.25 -4.52 -12.18
N CYS A 314 -11.71 -5.00 -13.31
CA CYS A 314 -12.03 -4.12 -14.42
C CYS A 314 -13.17 -3.19 -14.03
N ILE A 315 -14.24 -3.77 -13.46
CA ILE A 315 -15.37 -3.00 -12.96
C ILE A 315 -14.93 -2.03 -11.84
N GLN A 316 -14.16 -2.55 -10.91
CA GLN A 316 -13.65 -1.74 -9.78
C GLN A 316 -12.87 -0.52 -10.27
N VAL A 317 -11.99 -0.71 -11.25
CA VAL A 317 -11.17 0.41 -11.71
C VAL A 317 -12.08 1.42 -12.42
N ASP A 318 -13.06 0.92 -13.19
CA ASP A 318 -13.96 1.84 -13.84
C ASP A 318 -14.82 2.61 -12.82
N ARG A 319 -15.28 1.93 -11.75
CA ARG A 319 -16.02 2.62 -10.70
C ARG A 319 -15.13 3.63 -9.97
N LEU A 320 -13.86 3.27 -9.79
CA LEU A 320 -12.89 4.17 -9.15
C LEU A 320 -12.78 5.49 -9.93
N ASP A 321 -12.63 5.37 -11.25
CA ASP A 321 -12.54 6.55 -12.13
C ASP A 321 -13.80 7.43 -11.94
N THR A 322 -14.96 6.79 -11.90
CA THR A 322 -16.23 7.50 -11.83
C THR A 322 -16.39 8.21 -10.50
N GLU A 323 -16.10 7.50 -9.43
CA GLU A 323 -16.32 8.05 -8.08
C GLU A 323 -15.28 9.14 -7.80
N LEU A 324 -14.03 8.96 -8.27
CA LEU A 324 -13.05 10.04 -8.15
C LEU A 324 -13.51 11.30 -8.88
N GLY A 325 -14.06 11.12 -10.07
CA GLY A 325 -14.62 12.24 -10.81
C GLY A 325 -15.70 12.98 -10.02
N ALA A 326 -16.66 12.24 -9.45
CA ALA A 326 -17.69 12.86 -8.62
C ALA A 326 -17.07 13.59 -7.40
N PHE A 327 -16.04 12.99 -6.83
CA PHE A 327 -15.38 13.58 -5.66
C PHE A 327 -14.67 14.89 -6.02
N PHE A 328 -13.89 14.89 -7.11
CA PHE A 328 -13.22 16.13 -7.57
C PHE A 328 -14.25 17.21 -7.98
N ASP A 329 -15.35 16.81 -8.62
CA ASP A 329 -16.42 17.73 -8.98
C ASP A 329 -17.04 18.44 -7.76
N LYS A 330 -17.32 17.68 -6.70
CA LYS A 330 -17.80 18.27 -5.45
C LYS A 330 -16.80 19.32 -4.91
N LEU A 331 -15.52 18.95 -4.78
CA LEU A 331 -14.50 19.89 -4.30
C LEU A 331 -14.39 21.14 -5.16
N ASP A 332 -14.47 20.97 -6.49
CA ASP A 332 -14.46 22.07 -7.43
C ASP A 332 -15.66 22.97 -7.18
N LYS A 333 -16.83 22.35 -7.02
CA LYS A 333 -18.05 23.11 -6.76
C LYS A 333 -17.91 23.90 -5.46
N ASP A 334 -17.20 23.31 -4.49
CA ASP A 334 -16.95 24.01 -3.22
C ASP A 334 -15.97 25.18 -3.36
N GLY A 335 -15.33 25.30 -4.51
CA GLY A 335 -14.39 26.39 -4.75
C GLY A 335 -13.07 26.22 -4.00
N ILE A 336 -12.69 24.98 -3.69
CA ILE A 336 -11.46 24.74 -2.93
C ILE A 336 -10.22 24.73 -3.82
N ASP A 337 -9.18 25.47 -3.43
CA ASP A 337 -7.92 25.42 -4.17
C ASP A 337 -7.12 24.21 -3.70
N TYR A 338 -7.33 23.05 -4.31
CA TYR A 338 -6.58 21.87 -3.82
C TYR A 338 -5.62 21.35 -4.86
N VAL A 339 -4.55 20.71 -4.37
CA VAL A 339 -3.64 19.95 -5.22
C VAL A 339 -3.82 18.49 -4.81
N VAL A 340 -3.78 17.59 -5.80
CA VAL A 340 -3.96 16.15 -5.55
C VAL A 340 -2.70 15.43 -5.86
N VAL A 341 -2.33 14.46 -5.03
CA VAL A 341 -1.43 13.43 -5.50
C VAL A 341 -2.19 12.10 -5.40
N LEU A 342 -2.08 11.23 -6.41
CA LEU A 342 -2.70 9.91 -6.35
C LEU A 342 -1.60 8.90 -6.65
N THR A 343 -1.45 7.89 -5.80
CA THR A 343 -0.46 6.85 -6.10
C THR A 343 -0.96 5.55 -5.51
N ALA A 344 -0.08 4.56 -5.32
CA ALA A 344 -0.48 3.28 -4.74
C ALA A 344 0.54 2.86 -3.71
N ASP A 345 0.16 1.94 -2.81
CA ASP A 345 1.12 1.47 -1.80
C ASP A 345 2.05 0.36 -2.33
N HIS A 346 1.71 -0.20 -3.49
CA HIS A 346 2.48 -1.25 -4.14
C HIS A 346 1.73 -1.63 -5.41
N GLY A 347 2.38 -2.43 -6.26
CA GLY A 347 1.71 -2.96 -7.43
C GLY A 347 0.97 -4.28 -7.18
N GLY A 348 0.89 -5.11 -8.19
CA GLY A 348 0.13 -6.35 -8.05
C GLY A 348 0.38 -7.29 -9.21
N HIS A 349 -0.21 -8.47 -9.13
CA HIS A 349 0.17 -9.57 -10.06
C HIS A 349 -1.01 -10.53 -10.22
N ASP A 350 -1.30 -10.95 -11.44
CA ASP A 350 -2.50 -11.73 -11.67
C ASP A 350 -2.29 -13.16 -11.17
N LEU A 351 -3.36 -13.92 -10.89
CA LEU A 351 -3.14 -15.31 -10.50
C LEU A 351 -2.56 -16.16 -11.65
N PRO A 352 -1.70 -17.12 -11.29
CA PRO A 352 -0.98 -17.94 -12.27
C PRO A 352 -1.93 -18.66 -13.21
N GLU A 353 -3.11 -19.10 -12.74
CA GLU A 353 -3.98 -19.91 -13.59
C GLU A 353 -4.44 -19.12 -14.80
N ARG A 354 -4.66 -17.82 -14.64
CA ARG A 354 -5.05 -17.03 -15.82
C ARG A 354 -3.86 -16.60 -16.68
N HIS A 355 -2.74 -16.25 -16.05
CA HIS A 355 -1.50 -16.02 -16.79
C HIS A 355 -1.21 -17.19 -17.75
N ARG A 356 -1.43 -18.43 -17.29
CA ARG A 356 -1.10 -19.58 -18.12
C ARG A 356 -2.05 -19.70 -19.30
N MET A 357 -3.21 -19.07 -19.20
CA MET A 357 -4.13 -19.04 -20.34
C MET A 357 -3.76 -17.91 -21.29
N ASN A 358 -3.02 -16.92 -20.79
CA ASN A 358 -2.79 -15.71 -21.58
C ASN A 358 -1.31 -15.49 -21.87
N ALA A 359 -0.65 -16.56 -22.35
CA ALA A 359 0.70 -16.49 -22.95
C ALA A 359 1.82 -16.41 -21.91
N MET A 360 1.49 -16.74 -20.66
CA MET A 360 2.53 -16.88 -19.63
C MET A 360 2.50 -18.27 -18.97
N PRO A 361 2.90 -19.31 -19.73
CA PRO A 361 2.75 -20.68 -19.23
C PRO A 361 3.74 -21.04 -18.10
N MET A 362 4.77 -20.23 -17.87
CA MET A 362 5.74 -20.52 -16.84
C MET A 362 5.26 -20.01 -15.44
N GLU A 363 4.19 -19.21 -15.43
CA GLU A 363 3.62 -18.73 -14.16
C GLU A 363 3.18 -19.88 -13.27
N GLN A 364 3.44 -19.78 -11.96
CA GLN A 364 3.22 -20.92 -11.09
C GLN A 364 3.10 -20.52 -9.62
N ARG A 365 2.54 -21.41 -8.82
CA ARG A 365 2.42 -21.15 -7.40
C ARG A 365 3.59 -21.74 -6.63
N VAL A 366 3.95 -21.08 -5.54
CA VAL A 366 5.09 -21.47 -4.73
C VAL A 366 4.85 -22.86 -4.13
N ASP A 367 5.94 -23.62 -3.99
CA ASP A 367 5.93 -24.92 -3.32
C ASP A 367 5.43 -24.80 -1.89
N MET A 368 4.51 -25.68 -1.50
CA MET A 368 4.00 -25.72 -0.15
C MET A 368 5.14 -25.97 0.84
N ALA A 369 6.21 -26.64 0.40
CA ALA A 369 7.37 -26.88 1.26
C ALA A 369 8.01 -25.60 1.77
N LEU A 370 7.78 -24.46 1.12
CA LEU A 370 8.45 -23.21 1.54
C LEU A 370 7.60 -22.42 2.52
N THR A 371 6.40 -22.90 2.81
CA THR A 371 5.55 -22.19 3.75
C THR A 371 6.08 -22.45 5.20
N PRO A 372 5.64 -21.62 6.18
CA PRO A 372 6.37 -21.56 7.45
C PRO A 372 6.51 -22.88 8.20
N LYS A 373 5.44 -23.64 8.37
CA LYS A 373 5.52 -24.84 9.20
C LYS A 373 6.42 -25.87 8.52
N ALA A 374 6.21 -26.07 7.23
CA ALA A 374 6.95 -27.08 6.46
C ALA A 374 8.43 -26.68 6.35
N LEU A 375 8.69 -25.41 6.11
CA LEU A 375 10.08 -24.93 6.02
C LEU A 375 10.83 -25.11 7.34
N ASN A 376 10.22 -24.69 8.44
CA ASN A 376 10.87 -24.88 9.71
C ASN A 376 11.13 -26.37 9.97
N ALA A 377 10.17 -27.23 9.62
CA ALA A 377 10.37 -28.66 9.94
C ALA A 377 11.55 -29.23 9.12
N THR A 378 11.63 -28.83 7.87
CA THR A 378 12.76 -29.21 7.02
C THR A 378 14.09 -28.70 7.54
N ILE A 379 14.21 -27.39 7.76
CA ILE A 379 15.48 -26.84 8.23
C ILE A 379 15.90 -27.43 9.58
N ALA A 380 14.93 -27.64 10.48
CA ALA A 380 15.27 -28.15 11.82
C ALA A 380 15.87 -29.53 11.70
N GLU A 381 15.32 -30.32 10.78
CA GLU A 381 15.79 -31.67 10.56
C GLU A 381 17.19 -31.68 9.94
N LYS A 382 17.43 -30.85 8.92
CA LYS A 382 18.75 -30.83 8.29
C LYS A 382 19.83 -30.31 9.25
N ALA A 383 19.41 -29.50 10.20
CA ALA A 383 20.35 -28.90 11.16
C ALA A 383 20.60 -29.80 12.35
N GLY A 384 20.01 -31.00 12.32
CA GLY A 384 20.20 -31.97 13.38
C GLY A 384 19.31 -31.70 14.58
N LEU A 385 18.27 -30.92 14.38
CA LEU A 385 17.34 -30.62 15.46
C LEU A 385 15.87 -30.98 15.09
N PRO A 386 15.62 -32.24 14.69
CA PRO A 386 14.27 -32.56 14.21
C PRO A 386 13.19 -32.30 15.26
N GLY A 387 12.06 -31.77 14.82
CA GLY A 387 10.92 -31.55 15.69
C GLY A 387 10.98 -30.25 16.49
N LYS A 388 12.10 -29.55 16.43
CA LYS A 388 12.26 -28.32 17.17
C LYS A 388 11.87 -27.09 16.36
N LYS A 389 11.59 -26.00 17.08
CA LYS A 389 11.32 -24.72 16.44
C LYS A 389 12.63 -23.96 16.19
N VAL A 390 13.08 -23.86 14.94
CA VAL A 390 14.40 -23.27 14.75
C VAL A 390 14.33 -21.95 13.99
N ILE A 391 13.31 -21.78 13.16
CA ILE A 391 13.08 -20.51 12.45
C ILE A 391 11.64 -20.06 12.59
N TRP A 392 11.44 -18.77 12.39
CA TRP A 392 10.14 -18.13 12.43
C TRP A 392 9.95 -17.38 11.14
N SER A 393 8.77 -17.53 10.56
CA SER A 393 8.46 -16.80 9.34
C SER A 393 6.94 -16.79 9.17
N ASP A 394 6.42 -15.94 8.28
CA ASP A 394 4.97 -15.90 8.15
C ASP A 394 4.50 -15.94 6.69
N GLY A 395 5.40 -16.27 5.79
CA GLY A 395 4.98 -16.69 4.46
C GLY A 395 6.15 -17.36 3.80
N PRO A 396 5.95 -17.85 2.58
CA PRO A 396 7.00 -18.57 1.83
C PRO A 396 8.00 -17.63 1.15
N SER A 397 8.15 -16.42 1.68
CA SER A 397 9.19 -15.49 1.25
C SER A 397 9.35 -14.41 2.33
N GLY A 398 10.35 -13.55 2.17
CA GLY A 398 10.50 -12.42 3.09
C GLY A 398 11.39 -12.78 4.27
N ASP A 399 11.10 -12.14 5.40
CA ASP A 399 11.97 -12.20 6.58
C ASP A 399 11.84 -13.51 7.30
N ILE A 400 13.00 -14.11 7.60
CA ILE A 400 13.09 -15.32 8.39
C ILE A 400 13.93 -15.04 9.64
N TYR A 401 13.45 -15.47 10.80
CA TYR A 401 14.12 -15.19 12.07
C TYR A 401 14.60 -16.47 12.78
N TYR A 402 15.83 -16.49 13.28
CA TYR A 402 16.30 -17.67 14.02
C TYR A 402 15.70 -17.67 15.41
N ASP A 403 15.28 -18.84 15.89
CA ASP A 403 14.78 -18.92 17.25
C ASP A 403 15.86 -18.51 18.27
N LYS A 404 15.47 -17.68 19.23
CA LYS A 404 16.40 -17.12 20.19
C LYS A 404 16.98 -18.19 21.14
N GLY A 405 16.36 -19.37 21.17
CA GLY A 405 16.77 -20.42 22.09
C GLY A 405 17.85 -21.31 21.51
N LEU A 406 18.30 -20.97 20.30
CA LEU A 406 19.42 -21.67 19.68
C LEU A 406 20.75 -21.30 20.34
N THR A 407 21.65 -22.27 20.57
CA THR A 407 23.02 -21.94 20.97
C THR A 407 23.72 -21.33 19.77
N ALA A 408 24.90 -20.76 19.99
CA ALA A 408 25.61 -20.12 18.87
C ALA A 408 25.95 -21.16 17.80
N ALA A 409 26.38 -22.36 18.22
CA ALA A 409 26.71 -23.41 17.27
C ALA A 409 25.48 -23.88 16.51
N GLN A 410 24.35 -23.95 17.21
CA GLN A 410 23.13 -24.42 16.57
C GLN A 410 22.64 -23.36 15.58
N ARG A 411 22.73 -22.10 16.01
CA ARG A 411 22.37 -20.98 15.15
C ARG A 411 23.16 -21.06 13.85
N ALA A 412 24.46 -21.40 13.95
CA ALA A 412 25.34 -21.46 12.79
C ALA A 412 24.94 -22.61 11.84
N ARG A 413 24.61 -23.78 12.39
CA ARG A 413 24.13 -24.87 11.56
C ARG A 413 22.80 -24.50 10.90
N VAL A 414 21.92 -23.84 11.64
CA VAL A 414 20.63 -23.50 11.09
C VAL A 414 20.82 -22.55 9.91
N GLU A 415 21.68 -21.55 10.07
CA GLU A 415 21.97 -20.63 8.95
C GLU A 415 22.53 -21.40 7.74
N THR A 416 23.51 -22.25 7.98
CA THR A 416 24.13 -23.01 6.89
C THR A 416 23.11 -23.87 6.13
N GLU A 417 22.28 -24.61 6.86
CA GLU A 417 21.33 -25.51 6.22
C GLU A 417 20.19 -24.74 5.53
N ALA A 418 19.75 -23.65 6.14
CA ALA A 418 18.72 -22.81 5.53
C ALA A 418 19.23 -22.26 4.21
N LEU A 419 20.45 -21.72 4.20
CA LEU A 419 21.03 -21.19 2.97
C LEU A 419 21.16 -22.29 1.91
N LYS A 420 21.74 -23.43 2.30
CA LYS A 420 21.95 -24.53 1.39
C LYS A 420 20.62 -25.01 0.79
N TYR A 421 19.62 -25.23 1.65
CA TYR A 421 18.35 -25.76 1.18
C TYR A 421 17.58 -24.76 0.31
N LEU A 422 17.50 -23.50 0.73
CA LEU A 422 16.76 -22.51 -0.03
C LEU A 422 17.44 -22.19 -1.37
N ARG A 423 18.76 -22.04 -1.37
CA ARG A 423 19.48 -21.76 -2.63
C ARG A 423 19.37 -22.90 -3.64
N ALA A 424 19.17 -24.13 -3.19
CA ALA A 424 19.05 -25.25 -4.12
C ALA A 424 17.61 -25.42 -4.58
N HIS A 425 16.67 -24.68 -3.99
CA HIS A 425 15.27 -24.86 -4.37
C HIS A 425 15.01 -24.15 -5.72
N PRO A 426 14.33 -24.82 -6.65
CA PRO A 426 14.21 -24.31 -8.02
C PRO A 426 13.38 -23.01 -8.15
N GLN A 427 12.57 -22.68 -7.15
CA GLN A 427 11.73 -21.49 -7.25
C GLN A 427 12.32 -20.30 -6.50
N VAL A 428 13.46 -20.53 -5.85
CA VAL A 428 14.09 -19.45 -5.08
C VAL A 428 15.08 -18.66 -5.93
N GLN A 429 14.94 -17.35 -5.94
CA GLN A 429 15.89 -16.49 -6.64
C GLN A 429 17.19 -16.38 -5.87
N THR A 430 17.07 -15.98 -4.60
CA THR A 430 18.27 -15.75 -3.79
C THR A 430 17.85 -15.62 -2.34
N VAL A 431 18.82 -15.72 -1.45
CA VAL A 431 18.61 -15.51 -0.03
C VAL A 431 19.74 -14.65 0.45
N PHE A 432 19.40 -13.56 1.13
CA PHE A 432 20.38 -12.62 1.69
C PHE A 432 20.52 -12.84 3.19
N THR A 433 21.73 -12.72 3.74
CA THR A 433 21.85 -12.75 5.19
C THR A 433 21.64 -11.34 5.69
N LYS A 434 21.31 -11.20 6.98
CA LYS A 434 21.16 -9.88 7.58
C LYS A 434 22.41 -9.02 7.36
N ALA A 435 23.57 -9.65 7.52
CA ALA A 435 24.82 -8.95 7.41
C ALA A 435 25.05 -8.43 5.99
N GLU A 436 24.69 -9.22 4.99
CA GLU A 436 24.86 -8.81 3.61
C GLU A 436 24.01 -7.55 3.31
N ILE A 437 22.76 -7.54 3.78
CA ILE A 437 21.87 -6.39 3.56
C ILE A 437 22.37 -5.16 4.33
N ALA A 438 22.76 -5.37 5.57
CA ALA A 438 23.28 -4.29 6.42
C ALA A 438 24.50 -3.59 5.81
N ALA A 439 25.36 -4.36 5.14
CA ALA A 439 26.58 -3.84 4.54
C ALA A 439 26.33 -3.12 3.21
N THR A 440 25.09 -3.12 2.74
CA THR A 440 24.74 -2.45 1.49
C THR A 440 24.42 -0.98 1.77
N PRO A 441 25.04 -0.05 1.05
CA PRO A 441 24.70 1.37 1.30
C PRO A 441 23.25 1.65 0.91
N SER A 442 22.64 2.63 1.56
CA SER A 442 21.28 3.03 1.16
C SER A 442 21.31 3.37 -0.34
N PRO A 443 20.42 2.77 -1.14
CA PRO A 443 20.59 2.94 -2.59
C PRO A 443 20.22 4.34 -3.11
N SER A 444 20.78 4.71 -4.25
CA SER A 444 20.46 5.98 -4.90
C SER A 444 20.37 5.70 -6.40
N GLY A 445 20.12 6.71 -7.24
CA GLY A 445 20.02 6.38 -8.65
C GLY A 445 18.68 5.75 -9.07
N PRO A 446 18.51 5.48 -10.38
CA PRO A 446 17.20 5.10 -10.93
C PRO A 446 16.63 3.87 -10.26
N PRO A 447 15.46 4.01 -9.62
CA PRO A 447 14.90 2.84 -8.94
C PRO A 447 14.57 1.69 -9.90
N GLU A 448 14.30 1.97 -11.17
CA GLU A 448 14.02 0.88 -12.11
C GLU A 448 15.20 -0.01 -12.43
N SER A 449 16.43 0.34 -12.02
CA SER A 449 17.56 -0.56 -12.29
C SER A 449 18.33 -0.94 -11.02
N TRP A 450 17.68 -0.86 -9.88
CA TRP A 450 18.31 -1.35 -8.65
C TRP A 450 18.55 -2.86 -8.70
N SER A 451 19.57 -3.31 -7.99
CA SER A 451 19.71 -4.73 -7.68
C SER A 451 18.71 -5.22 -6.64
N LEU A 452 18.56 -6.54 -6.52
CA LEU A 452 17.66 -7.08 -5.52
C LEU A 452 18.15 -6.69 -4.12
N ILE A 453 19.46 -6.67 -3.91
CA ILE A 453 19.90 -6.39 -2.56
C ILE A 453 19.74 -4.89 -2.24
N GLN A 454 19.81 -4.02 -3.24
CA GLN A 454 19.46 -2.61 -3.04
C GLN A 454 18.00 -2.49 -2.63
N GLU A 455 17.13 -3.23 -3.30
CA GLU A 455 15.74 -3.25 -2.92
C GLU A 455 15.56 -3.72 -1.47
N ALA A 456 16.27 -4.78 -1.11
CA ALA A 456 16.18 -5.33 0.25
C ALA A 456 16.67 -4.30 1.26
N ARG A 457 17.75 -3.59 0.90
CA ARG A 457 18.33 -2.60 1.79
C ARG A 457 17.31 -1.47 2.05
N ALA A 458 16.49 -1.16 1.03
CA ALA A 458 15.50 -0.09 1.18
C ALA A 458 14.34 -0.46 2.12
N SER A 459 14.18 -1.74 2.44
CA SER A 459 13.23 -2.09 3.51
C SER A 459 13.94 -2.92 4.59
N PHE A 460 15.15 -2.48 4.95
CA PHE A 460 15.92 -3.15 5.98
C PHE A 460 15.99 -2.26 7.20
N TYR A 461 15.58 -2.79 8.35
CA TYR A 461 15.59 -2.03 9.61
C TYR A 461 16.08 -3.00 10.67
N PRO A 462 17.34 -2.83 11.16
CA PRO A 462 18.04 -3.84 11.96
C PRO A 462 17.27 -4.47 13.15
N SER A 463 16.56 -3.68 13.95
CA SER A 463 15.88 -4.24 15.12
C SER A 463 14.60 -4.99 14.73
N ARG A 464 14.16 -4.88 13.49
CA ARG A 464 12.92 -5.54 13.07
C ARG A 464 13.07 -6.55 11.93
N SER A 465 14.07 -6.36 11.08
CA SER A 465 14.28 -7.24 9.95
C SER A 465 14.74 -8.64 10.38
N GLY A 466 14.51 -9.62 9.51
CA GLY A 466 14.91 -11.00 9.73
C GLY A 466 16.42 -11.25 9.65
N ASP A 467 16.80 -12.45 10.07
CA ASP A 467 18.16 -12.94 9.97
C ASP A 467 18.47 -13.36 8.53
N LEU A 468 17.42 -13.69 7.78
CA LEU A 468 17.53 -14.00 6.35
C LEU A 468 16.39 -13.33 5.63
N LEU A 469 16.60 -13.00 4.37
CA LEU A 469 15.53 -12.50 3.53
C LEU A 469 15.39 -13.43 2.32
N LEU A 470 14.23 -14.06 2.15
CA LEU A 470 14.04 -15.02 1.07
C LEU A 470 13.30 -14.38 -0.11
N LEU A 471 13.88 -14.43 -1.31
CA LEU A 471 13.27 -13.89 -2.52
C LEU A 471 12.95 -14.99 -3.50
N LEU A 472 11.71 -15.05 -3.99
CA LEU A 472 11.34 -16.05 -4.99
C LEU A 472 11.64 -15.52 -6.40
N LYS A 473 11.84 -16.45 -7.34
CA LYS A 473 12.02 -16.11 -8.75
C LYS A 473 10.80 -15.35 -9.32
N PRO A 474 11.02 -14.54 -10.35
CA PRO A 474 9.88 -13.90 -11.01
C PRO A 474 8.82 -14.92 -11.43
N ARG A 475 7.56 -14.53 -11.32
CA ARG A 475 6.43 -15.31 -11.85
C ARG A 475 6.17 -16.55 -11.00
N VAL A 476 6.72 -16.55 -9.78
CA VAL A 476 6.31 -17.51 -8.76
C VAL A 476 5.39 -16.75 -7.79
N MET A 477 4.13 -17.16 -7.75
CA MET A 477 3.18 -16.53 -6.83
C MET A 477 3.32 -17.11 -5.39
N SER A 478 3.42 -16.25 -4.40
CA SER A 478 3.71 -16.72 -3.05
C SER A 478 2.48 -17.26 -2.32
N ILE A 479 1.51 -17.81 -3.07
CA ILE A 479 0.34 -18.49 -2.52
C ILE A 479 0.34 -19.88 -3.11
N PRO A 480 0.56 -20.91 -2.27
CA PRO A 480 0.66 -22.26 -2.82
C PRO A 480 -0.70 -22.72 -3.32
N GLU A 481 -0.69 -23.74 -4.17
CA GLU A 481 -1.93 -24.35 -4.60
C GLU A 481 -2.51 -25.18 -3.47
N GLN A 482 -3.81 -25.04 -3.24
CA GLN A 482 -4.51 -25.86 -2.23
C GLN A 482 -5.89 -26.24 -2.72
N ALA A 483 -6.39 -27.37 -2.24
CA ALA A 483 -7.74 -27.81 -2.56
C ALA A 483 -8.73 -26.74 -2.15
N VAL A 484 -8.53 -26.17 -0.96
CA VAL A 484 -9.40 -25.12 -0.45
C VAL A 484 -8.62 -23.82 -0.33
N MET A 485 -8.94 -22.84 -1.17
CA MET A 485 -8.14 -21.62 -1.19
C MET A 485 -8.94 -20.37 -0.87
N GLY A 486 -8.22 -19.33 -0.44
CA GLY A 486 -8.82 -18.04 -0.15
C GLY A 486 -8.35 -17.17 -1.29
N SER A 487 -7.50 -16.19 -0.98
CA SER A 487 -6.83 -15.34 -1.96
C SER A 487 -6.16 -16.18 -3.07
N VAL A 488 -6.28 -15.73 -4.30
CA VAL A 488 -5.65 -16.44 -5.41
C VAL A 488 -4.41 -15.70 -5.90
N ALA A 489 -4.28 -14.45 -5.47
CA ALA A 489 -3.19 -13.61 -6.00
C ALA A 489 -2.73 -12.61 -4.96
N THR A 490 -1.46 -12.26 -5.03
CA THR A 490 -0.90 -11.26 -4.13
C THR A 490 0.34 -10.56 -4.73
N HIS A 491 0.75 -9.50 -4.04
CA HIS A 491 1.92 -8.66 -4.34
C HIS A 491 3.02 -9.09 -3.36
N GLY A 492 3.86 -8.18 -2.84
CA GLY A 492 4.81 -8.60 -1.79
C GLY A 492 6.16 -9.17 -2.29
N SER A 493 6.29 -9.28 -3.62
CA SER A 493 7.52 -9.77 -4.24
C SER A 493 8.44 -8.58 -4.57
N PRO A 494 9.70 -8.85 -4.85
CA PRO A 494 10.62 -7.74 -5.16
C PRO A 494 10.66 -7.38 -6.64
N TRP A 495 9.72 -7.90 -7.42
CA TRP A 495 9.80 -7.75 -8.87
C TRP A 495 8.99 -6.54 -9.34
N ASP A 496 9.15 -6.19 -10.62
CA ASP A 496 8.60 -4.93 -11.13
C ASP A 496 7.09 -4.81 -11.03
N THR A 497 6.33 -5.89 -11.22
CA THR A 497 4.86 -5.78 -11.14
C THR A 497 4.41 -5.22 -9.79
N ASP A 498 5.15 -5.58 -8.74
CA ASP A 498 4.76 -5.28 -7.36
C ASP A 498 5.36 -3.97 -6.86
N ARG A 499 6.42 -3.49 -7.51
CA ARG A 499 7.03 -2.22 -7.13
C ARG A 499 6.46 -1.03 -7.91
N ARG A 500 6.10 -1.27 -9.18
CA ARG A 500 5.84 -0.14 -10.05
C ARG A 500 4.40 0.40 -9.89
N VAL A 501 4.26 1.69 -9.66
CA VAL A 501 2.96 2.28 -9.31
C VAL A 501 2.86 3.64 -10.00
N PRO A 502 1.66 4.11 -10.34
CA PRO A 502 1.62 5.46 -10.92
C PRO A 502 1.76 6.51 -9.84
N ILE A 503 2.29 7.70 -10.19
CA ILE A 503 2.22 8.85 -9.30
C ILE A 503 1.74 10.00 -10.15
N LEU A 504 0.59 10.55 -9.75
CA LEU A 504 -0.09 11.56 -10.53
C LEU A 504 -0.30 12.78 -9.68
N PHE A 505 0.08 13.96 -10.18
CA PHE A 505 -0.17 15.18 -9.42
C PHE A 505 -1.10 16.07 -10.21
N TRP A 506 -2.01 16.78 -9.55
CA TRP A 506 -2.89 17.67 -10.31
C TRP A 506 -3.33 18.88 -9.51
N ARG A 507 -3.44 20.01 -10.20
CA ARG A 507 -4.04 21.21 -9.65
C ARG A 507 -4.72 21.95 -10.79
N LYS A 508 -5.88 22.54 -10.55
CA LYS A 508 -6.64 23.21 -11.59
C LYS A 508 -5.76 24.16 -12.39
N GLY A 509 -5.79 23.99 -13.71
CA GLY A 509 -5.13 24.88 -14.67
C GLY A 509 -3.63 24.65 -14.88
N MET A 510 -3.05 23.66 -14.21
CA MET A 510 -1.61 23.44 -14.36
C MET A 510 -1.25 22.97 -15.78
N GLN A 511 0.04 22.87 -16.09
CA GLN A 511 0.45 22.35 -17.41
C GLN A 511 0.81 20.87 -17.31
N HIS A 512 0.14 20.06 -18.13
CA HIS A 512 0.34 18.62 -18.10
C HIS A 512 1.75 18.32 -18.59
N PHE A 513 2.41 17.33 -17.99
CA PHE A 513 3.50 16.67 -18.70
C PHE A 513 3.55 15.20 -18.35
N GLU A 514 4.30 14.44 -19.13
CA GLU A 514 4.45 13.02 -18.85
C GLU A 514 5.93 12.75 -18.64
N GLN A 515 6.29 12.07 -17.56
CA GLN A 515 7.71 11.78 -17.26
C GLN A 515 7.83 10.28 -17.01
N PRO A 516 8.26 9.51 -18.03
CA PRO A 516 8.27 8.05 -17.98
C PRO A 516 9.45 7.41 -17.24
N LEU A 517 10.48 8.17 -16.85
CA LEU A 517 11.60 7.59 -16.11
C LEU A 517 11.20 7.37 -14.69
N GLY A 518 11.92 6.46 -14.02
CA GLY A 518 11.50 6.07 -12.68
C GLY A 518 11.72 7.10 -11.60
N VAL A 519 10.75 7.17 -10.69
CA VAL A 519 10.79 8.06 -9.55
C VAL A 519 10.30 7.19 -8.40
N GLU A 520 10.48 7.66 -7.15
CA GLU A 520 10.05 6.88 -5.98
C GLU A 520 8.88 7.52 -5.25
N THR A 521 8.05 6.70 -4.57
CA THR A 521 6.96 7.31 -3.80
C THR A 521 7.54 8.16 -2.65
N VAL A 522 8.79 7.90 -2.25
CA VAL A 522 9.40 8.77 -1.21
C VAL A 522 9.64 10.20 -1.75
N ASP A 523 9.53 10.39 -3.07
CA ASP A 523 9.72 11.72 -3.66
C ASP A 523 8.48 12.59 -3.46
N ILE A 524 7.39 11.98 -3.05
CA ILE A 524 6.11 12.70 -2.99
C ILE A 524 6.13 13.82 -1.95
N LEU A 525 6.61 13.51 -0.75
CA LEU A 525 6.61 14.52 0.29
C LEU A 525 7.43 15.76 -0.09
N PRO A 526 8.70 15.59 -0.54
CA PRO A 526 9.40 16.84 -0.86
C PRO A 526 8.77 17.58 -2.05
N SER A 527 8.16 16.86 -2.98
CA SER A 527 7.49 17.51 -4.12
C SER A 527 6.30 18.37 -3.64
N LEU A 528 5.49 17.86 -2.70
CA LEU A 528 4.38 18.66 -2.14
C LEU A 528 4.87 19.78 -1.24
N ALA A 529 5.88 19.49 -0.42
CA ALA A 529 6.41 20.51 0.49
C ALA A 529 6.88 21.76 -0.22
N ALA A 530 7.52 21.57 -1.38
CA ALA A 530 7.96 22.71 -2.19
C ALA A 530 6.80 23.62 -2.59
N LEU A 531 5.67 23.03 -2.96
CA LEU A 531 4.46 23.80 -3.31
C LEU A 531 3.95 24.72 -2.20
N ILE A 532 4.14 24.30 -0.94
CA ILE A 532 3.68 25.10 0.18
C ILE A 532 4.85 25.77 0.90
N LYS A 533 6.03 25.71 0.26
CA LYS A 533 7.24 26.36 0.76
C LYS A 533 7.58 25.91 2.17
N LEU A 534 7.39 24.62 2.43
CA LEU A 534 7.73 24.00 3.70
C LEU A 534 9.16 23.40 3.59
N PRO A 535 10.13 23.92 4.35
CA PRO A 535 11.45 23.27 4.25
C PRO A 535 11.46 21.89 4.90
N VAL A 536 12.18 20.95 4.30
CA VAL A 536 12.31 19.63 4.84
C VAL A 536 13.80 19.25 4.79
N PRO A 537 14.46 19.14 5.96
CA PRO A 537 15.88 18.77 5.98
C PRO A 537 16.17 17.53 5.11
N LYS A 538 17.06 17.67 4.14
CA LYS A 538 17.37 16.57 3.23
C LYS A 538 17.92 15.32 3.92
N ASP A 539 18.57 15.52 5.08
CA ASP A 539 19.17 14.40 5.78
C ASP A 539 18.14 13.63 6.63
N GLN A 540 16.92 14.16 6.72
CA GLN A 540 15.86 13.42 7.42
C GLN A 540 14.97 12.60 6.50
N ILE A 541 15.15 12.71 5.19
CA ILE A 541 14.31 11.96 4.29
C ILE A 541 15.15 11.23 3.23
N ASP A 542 14.55 10.26 2.54
CA ASP A 542 15.20 9.57 1.45
C ASP A 542 14.82 10.14 0.10
N GLY A 543 13.63 10.72 -0.02
CA GLY A 543 13.15 11.20 -1.32
C GLY A 543 13.80 12.48 -1.81
N ARG A 544 13.58 12.79 -3.08
CA ARG A 544 14.00 14.08 -3.65
C ARG A 544 12.80 14.85 -4.18
N CYS A 545 12.90 16.17 -4.24
CA CYS A 545 11.84 16.97 -4.87
C CYS A 545 11.68 16.71 -6.38
N LEU A 546 10.46 16.43 -6.80
CA LEU A 546 10.09 16.34 -8.21
C LEU A 546 9.50 17.66 -8.61
N ASP A 547 10.10 18.26 -9.65
CA ASP A 547 9.62 19.48 -10.26
C ASP A 547 8.30 19.17 -10.92
N LEU A 548 7.24 19.89 -10.51
CA LEU A 548 5.91 19.64 -11.08
C LEU A 548 5.54 20.69 -12.10
N VAL A 549 6.50 21.56 -12.44
CA VAL A 549 6.26 22.60 -13.43
C VAL A 549 6.94 22.22 -14.74
N ALA A 550 6.12 21.88 -15.75
CA ALA A 550 6.65 21.56 -17.09
C ALA A 550 7.44 22.73 -17.64
N GLY A 551 8.52 22.41 -18.33
CA GLY A 551 9.33 23.44 -18.96
C GLY A 551 10.18 24.24 -17.99
N LYS A 552 10.50 25.47 -18.39
CA LYS A 552 11.57 26.25 -17.76
C LYS A 552 11.50 26.41 -16.24
N ASP A 553 10.35 26.82 -15.72
CA ASP A 553 10.28 27.14 -14.29
C ASP A 553 10.33 25.85 -13.46
N ASP A 554 10.69 25.95 -12.18
CA ASP A 554 10.95 24.78 -11.32
C ASP A 554 10.29 24.94 -9.95
N SER A 555 9.29 24.12 -9.66
CA SER A 555 8.58 24.20 -8.38
C SER A 555 9.51 23.89 -7.20
N CYS A 556 10.63 23.20 -7.47
CA CYS A 556 11.54 22.81 -6.38
C CYS A 556 12.50 23.92 -6.00
N ALA A 557 12.71 24.90 -6.87
CA ALA A 557 13.63 26.01 -6.60
C ALA A 557 13.52 26.49 -5.14
N GLY A 558 14.66 26.44 -4.43
CA GLY A 558 14.73 26.74 -3.02
C GLY A 558 15.56 25.69 -2.29
N GLN A 559 15.21 25.45 -1.02
CA GLN A 559 15.92 24.47 -0.18
C GLN A 559 15.95 23.07 -0.80
N LEU A 560 14.80 22.63 -1.33
CA LEU A 560 14.69 21.28 -1.91
C LEU A 560 15.26 21.20 -3.33
C1 GOL B . 15.69 -6.90 -11.32
O1 GOL B . 16.96 -6.93 -10.65
C2 GOL B . 14.73 -5.91 -10.62
O2 GOL B . 14.11 -5.02 -11.52
C3 GOL B . 13.65 -6.57 -9.79
O3 GOL B . 12.45 -5.82 -9.85
ZN ZN C . -1.83 -2.66 -0.03
ZN ZN D . -2.77 -6.57 -0.55
CA CA E . 10.41 22.68 -14.86
P PO4 F . -1.82 -5.79 1.91
O1 PO4 F . -2.27 -7.19 1.59
O2 PO4 F . -2.57 -5.14 3.10
O3 PO4 F . -2.15 -4.93 0.69
O4 PO4 F . -0.31 -5.82 2.15
C1 GOL G . 16.98 4.83 6.09
O1 GOL G . 16.90 5.16 4.74
C2 GOL G . 18.37 4.43 6.55
O2 GOL G . 18.46 3.03 6.45
C3 GOL G . 19.27 5.11 5.53
O3 GOL G . 20.61 4.92 5.94
C1 GOL H . -2.15 5.28 20.26
O1 GOL H . -0.74 5.07 20.42
C2 GOL H . -2.97 4.18 20.93
O2 GOL H . -4.31 4.61 21.12
C3 GOL H . -2.38 3.84 22.30
O3 GOL H . -1.84 2.54 22.32
C1 GOL I . 7.48 -8.46 2.35
O1 GOL I . 6.66 -8.83 1.24
C2 GOL I . 7.47 -9.54 3.44
O2 GOL I . 7.48 -10.82 2.83
C3 GOL I . 8.69 -9.45 4.34
O3 GOL I . 8.64 -10.48 5.29
C1 GOL J . -12.82 19.76 14.21
O1 GOL J . -14.03 19.22 13.72
C2 GOL J . -12.15 20.65 13.16
O2 GOL J . -13.07 21.52 12.52
C3 GOL J . -10.97 21.43 13.75
O3 GOL J . -10.61 22.44 12.84
#